data_4FSY
#
_entry.id   4FSY
#
_cell.length_a   45.276
_cell.length_b   65.903
_cell.length_c   57.759
_cell.angle_alpha   90.00
_cell.angle_beta   94.28
_cell.angle_gamma   90.00
#
_symmetry.space_group_name_H-M   'P 1 21 1'
#
loop_
_entity.id
_entity.type
_entity.pdbx_description
1 polymer 'Serine/threonine-protein kinase Chk1'
2 non-polymer 2-(11-oxo-10,11-dihydro-5H-dibenzo[b,e][1,4]diazepin-3-yl)benzamide
3 non-polymer 'SULFATE ION'
4 non-polymer GLYCEROL
5 non-polymer 'ISOPROPYL ALCOHOL'
6 water water
#
_entity_poly.entity_id   1
_entity_poly.type   'polypeptide(L)'
_entity_poly.pdbx_seq_one_letter_code
;AVPFVEDWDLVQTLGEGAYGEVQLAVNRVTEEAVAVKIVDMKRAVDCPENIKKEI(CSO)INKMLNHENVVKFYGHRREG
NIQYLFLEYCSGGELFDRIEPDIGMPEPDAQRFFHQLMAGVVYLHGIGITHRDIKPENLLLDERDNLKISDFGLATVFRY
NNRERLLNKMCGTLPYVAPELLKRREFHAEPVDVWSCGIVLTAMLAGELPWDQPSDSCQEYSDWKEKKTYLNPWKKIDSA
PLALLHKILVENPSARITIPDIKKDRWYNKPLKKGAKRPRVTS
;
_entity_poly.pdbx_strand_id   A
#
loop_
_chem_comp.id
_chem_comp.type
_chem_comp.name
_chem_comp.formula
GOL non-polymer GLYCEROL 'C3 H8 O3'
HK7 non-polymer 2-(11-oxo-10,11-dihydro-5H-dibenzo[b,e][1,4]diazepin-3-yl)benzamide 'C20 H15 N3 O2'
IPA non-polymer 'ISOPROPYL ALCOHOL' 'C3 H8 O'
SO4 non-polymer 'SULFATE ION' 'O4 S -2'
#
# COMPACT_ATOMS: atom_id res chain seq x y z
N VAL A 2 -16.62 20.57 27.18
CA VAL A 2 -16.38 19.41 28.01
C VAL A 2 -14.88 19.36 28.37
N PRO A 3 -14.51 19.39 29.67
CA PRO A 3 -13.08 19.37 30.03
C PRO A 3 -12.37 18.05 29.72
N PHE A 4 -11.03 18.12 29.54
CA PHE A 4 -10.07 17.02 29.34
C PHE A 4 -10.25 16.21 28.03
N VAL A 5 -11.20 16.62 27.15
CA VAL A 5 -11.49 15.94 25.88
C VAL A 5 -10.30 16.09 24.87
N GLU A 6 -9.40 17.05 25.10
CA GLU A 6 -8.22 17.29 24.28
C GLU A 6 -7.01 16.48 24.77
N ASP A 7 -7.13 15.78 25.93
CA ASP A 7 -6.02 15.00 26.48
C ASP A 7 -6.02 13.57 25.97
N TRP A 8 -4.83 13.12 25.53
CA TRP A 8 -4.57 11.79 25.00
C TRP A 8 -3.42 11.13 25.74
N ASP A 9 -3.57 9.87 26.12
CA ASP A 9 -2.51 9.11 26.75
C ASP A 9 -1.81 8.25 25.70
N LEU A 10 -0.47 8.25 25.71
CA LEU A 10 0.32 7.42 24.80
C LEU A 10 0.48 6.08 25.49
N VAL A 11 -0.10 5.01 24.91
CA VAL A 11 -0.16 3.71 25.56
C VAL A 11 0.77 2.61 24.95
N GLN A 12 1.16 2.71 23.66
CA GLN A 12 2.05 1.72 23.01
C GLN A 12 2.74 2.28 21.77
N THR A 13 4.00 1.87 21.55
CA THR A 13 4.77 2.26 20.36
C THR A 13 4.31 1.39 19.21
N LEU A 14 3.99 2.02 18.07
CA LEU A 14 3.49 1.33 16.89
C LEU A 14 4.62 1.06 15.87
N GLY A 15 5.73 1.78 16.01
CA GLY A 15 6.90 1.59 15.16
C GLY A 15 7.88 2.75 15.17
N GLU A 16 8.93 2.63 14.32
CA GLU A 16 9.98 3.64 14.15
C GLU A 16 9.96 4.20 12.73
N GLY A 17 9.92 5.53 12.62
CA GLY A 17 9.91 6.25 11.35
C GLY A 17 11.11 7.17 11.17
N GLY A 20 11.54 10.08 13.88
CA GLY A 20 10.90 9.94 15.19
C GLY A 20 10.20 8.62 15.40
N GLU A 21 9.05 8.65 16.13
CA GLU A 21 8.25 7.45 16.45
C GLU A 21 6.73 7.67 16.28
N VAL A 22 5.97 6.57 16.20
CA VAL A 22 4.52 6.54 16.09
C VAL A 22 3.97 5.85 17.35
N GLN A 23 3.01 6.50 18.03
CA GLN A 23 2.40 5.94 19.23
C GLN A 23 0.90 5.74 19.09
N LEU A 24 0.37 4.68 19.74
CA LEU A 24 -1.07 4.49 19.87
C LEU A 24 -1.51 5.41 21.00
N ALA A 25 -2.41 6.36 20.71
CA ALA A 25 -2.92 7.31 21.69
C ALA A 25 -4.38 7.04 22.00
N VAL A 26 -4.75 7.11 23.29
CA VAL A 26 -6.12 6.86 23.75
C VAL A 26 -6.65 8.14 24.44
N ASN A 27 -7.82 8.64 23.99
CA ASN A 27 -8.43 9.83 24.57
C ASN A 27 -8.84 9.56 26.02
N ARG A 28 -8.45 10.49 26.91
CA ARG A 28 -8.69 10.46 28.35
C ARG A 28 -10.20 10.35 28.69
N VAL A 29 -11.06 11.03 27.92
CA VAL A 29 -12.50 11.10 28.14
C VAL A 29 -13.25 10.01 27.36
N THR A 30 -13.13 10.02 26.02
CA THR A 30 -13.89 9.17 25.11
C THR A 30 -13.30 7.77 24.89
N GLU A 31 -11.99 7.59 25.21
CA GLU A 31 -11.22 6.34 25.03
C GLU A 31 -11.01 6.00 23.53
N GLU A 32 -11.19 7.03 22.65
CA GLU A 32 -11.00 6.89 21.21
CA GLU A 32 -11.00 6.90 21.20
C GLU A 32 -9.52 6.66 20.92
N ALA A 33 -9.22 5.67 20.07
CA ALA A 33 -7.83 5.35 19.72
C ALA A 33 -7.45 6.07 18.44
N VAL A 34 -6.27 6.71 18.44
CA VAL A 34 -5.68 7.39 17.28
C VAL A 34 -4.18 7.05 17.23
N ALA A 35 -3.58 7.18 16.05
CA ALA A 35 -2.15 6.98 15.88
C ALA A 35 -1.48 8.36 15.85
N VAL A 36 -0.50 8.58 16.73
CA VAL A 36 0.17 9.88 16.78
C VAL A 36 1.60 9.73 16.29
N LYS A 37 1.93 10.45 15.21
CA LYS A 37 3.26 10.47 14.62
C LYS A 37 4.01 11.64 15.23
N ILE A 38 5.10 11.34 15.95
CA ILE A 38 5.91 12.32 16.69
C ILE A 38 7.24 12.50 15.96
N VAL A 39 7.48 13.72 15.43
CA VAL A 39 8.70 14.06 14.69
C VAL A 39 9.52 15.08 15.51
N PRO A 48 11.36 18.58 9.21
CA PRO A 48 11.77 19.76 8.43
C PRO A 48 10.70 20.12 7.38
N GLU A 49 11.10 20.25 6.09
CA GLU A 49 10.18 20.54 4.98
C GLU A 49 9.47 19.25 4.53
N ASN A 50 10.06 18.08 4.85
CA ASN A 50 9.56 16.74 4.54
C ASN A 50 8.24 16.44 5.27
N ILE A 51 8.15 16.87 6.55
CA ILE A 51 6.94 16.66 7.36
C ILE A 51 5.86 17.68 6.94
N LYS A 52 6.27 18.89 6.50
CA LYS A 52 5.36 19.94 6.01
C LYS A 52 4.60 19.48 4.76
N LYS A 53 5.25 18.65 3.90
CA LYS A 53 4.70 18.07 2.68
C LYS A 53 3.73 16.91 3.02
N GLU A 54 4.09 16.07 4.03
CA GLU A 54 3.29 14.94 4.51
C GLU A 54 1.93 15.41 5.05
N ILE A 55 1.94 16.51 5.83
CA ILE A 55 0.77 17.13 6.46
C ILE A 55 -0.12 17.69 5.34
N CSO A 56 0.51 18.39 4.39
CA CSO A 56 -0.17 19.00 3.24
CB CSO A 56 0.90 19.75 2.42
SG CSO A 56 0.05 20.67 1.11
C CSO A 56 -0.87 17.95 2.36
O CSO A 56 -2.02 18.16 2.00
OD CSO A 56 0.24 19.71 -0.10
N ILE A 57 -0.18 16.83 2.04
CA ILE A 57 -0.78 15.76 1.24
C ILE A 57 -1.89 15.08 2.06
N ASN A 58 -1.67 14.84 3.37
CA ASN A 58 -2.66 14.21 4.26
C ASN A 58 -3.96 15.02 4.37
N LYS A 59 -3.87 16.35 4.34
CA LYS A 59 -5.03 17.27 4.39
C LYS A 59 -5.93 17.14 3.15
N MET A 60 -5.35 16.69 2.05
CA MET A 60 -6.05 16.27 0.83
C MET A 60 -6.89 14.98 0.90
N LEU A 61 -6.47 14.01 1.68
CA LEU A 61 -7.04 12.69 1.67
C LEU A 61 -8.34 12.43 2.40
N ASN A 62 -9.30 11.87 1.70
CA ASN A 62 -10.57 11.45 2.27
C ASN A 62 -11.13 10.24 1.57
N HIS A 63 -10.75 9.07 2.00
CA HIS A 63 -11.22 7.85 1.40
C HIS A 63 -11.26 6.66 2.38
N GLU A 64 -12.20 5.74 2.23
CA GLU A 64 -12.37 4.59 3.12
C GLU A 64 -11.18 3.58 3.10
N ASN A 65 -10.31 3.64 2.08
CA ASN A 65 -9.13 2.77 1.95
C ASN A 65 -7.82 3.58 2.04
N VAL A 66 -7.88 4.73 2.71
CA VAL A 66 -6.75 5.63 2.96
C VAL A 66 -6.84 6.03 4.44
N VAL A 67 -5.72 5.94 5.18
CA VAL A 67 -5.66 6.32 6.60
C VAL A 67 -6.04 7.81 6.71
N LYS A 68 -7.03 8.11 7.57
CA LYS A 68 -7.57 9.45 7.78
C LYS A 68 -6.67 10.29 8.65
N PHE A 69 -6.54 11.55 8.25
CA PHE A 69 -5.77 12.57 8.95
C PHE A 69 -6.76 13.42 9.75
N TYR A 70 -6.56 13.48 11.07
CA TYR A 70 -7.45 14.23 11.95
C TYR A 70 -6.94 15.66 12.21
N GLY A 71 -5.63 15.86 12.11
CA GLY A 71 -5.00 17.17 12.32
C GLY A 71 -3.55 17.08 12.78
N HIS A 72 -2.95 18.25 13.03
CA HIS A 72 -1.58 18.34 13.48
C HIS A 72 -1.41 19.49 14.48
N ARG A 73 -0.41 19.37 15.37
CA ARG A 73 -0.08 20.37 16.37
C ARG A 73 1.43 20.47 16.49
N ARG A 74 1.95 21.70 16.67
CA ARG A 74 3.38 21.96 16.84
C ARG A 74 3.69 22.47 18.23
N GLU A 75 4.65 21.82 18.91
CA GLU A 75 5.11 22.19 20.24
C GLU A 75 6.63 22.39 20.17
N GLY A 76 7.02 23.53 19.61
CA GLY A 76 8.42 23.89 19.39
C GLY A 76 8.99 23.17 18.19
N ASN A 77 10.00 22.30 18.43
CA ASN A 77 10.67 21.51 17.41
C ASN A 77 9.92 20.18 17.14
N ILE A 78 8.97 19.81 18.01
CA ILE A 78 8.21 18.55 17.90
C ILE A 78 6.85 18.78 17.21
N GLN A 79 6.64 18.09 16.08
CA GLN A 79 5.38 18.06 15.32
C GLN A 79 4.62 16.77 15.62
N TYR A 80 3.31 16.88 15.91
CA TYR A 80 2.41 15.76 16.20
C TYR A 80 1.38 15.60 15.09
N LEU A 81 1.32 14.42 14.47
CA LEU A 81 0.36 14.11 13.40
C LEU A 81 -0.67 13.14 13.93
N PHE A 82 -1.95 13.55 13.94
CA PHE A 82 -3.04 12.74 14.47
C PHE A 82 -3.71 12.01 13.32
N LEU A 83 -3.48 10.69 13.28
CA LEU A 83 -3.93 9.80 12.20
C LEU A 83 -4.82 8.70 12.71
N GLU A 84 -5.62 8.15 11.78
CA GLU A 84 -6.52 7.03 12.06
C GLU A 84 -5.73 5.80 12.55
N TYR A 85 -6.17 5.22 13.68
CA TYR A 85 -5.56 4.01 14.18
C TYR A 85 -6.24 2.81 13.55
N CYS A 86 -5.44 1.89 13.01
CA CYS A 86 -5.92 0.69 12.37
C CYS A 86 -5.52 -0.47 13.28
N SER A 87 -6.48 -0.95 14.10
CA SER A 87 -6.31 -1.98 15.13
C SER A 87 -5.89 -3.35 14.60
N GLY A 88 -6.20 -3.67 13.33
CA GLY A 88 -5.82 -4.94 12.70
C GLY A 88 -4.34 -5.08 12.35
N GLY A 89 -3.60 -3.99 12.51
CA GLY A 89 -2.17 -3.97 12.24
C GLY A 89 -1.82 -3.90 10.77
N GLU A 90 -0.68 -4.49 10.41
CA GLU A 90 -0.15 -4.45 9.07
C GLU A 90 -0.49 -5.69 8.30
N LEU A 91 -0.73 -5.53 6.98
CA LEU A 91 -1.00 -6.60 6.02
C LEU A 91 0.16 -7.62 6.04
N PHE A 92 1.37 -7.11 6.26
CA PHE A 92 2.61 -7.88 6.33
C PHE A 92 2.46 -9.12 7.24
N ASP A 93 1.85 -8.94 8.42
CA ASP A 93 1.68 -10.01 9.40
C ASP A 93 0.49 -10.95 9.11
N ARG A 94 -0.22 -10.75 7.98
CA ARG A 94 -1.29 -11.65 7.51
C ARG A 94 -0.73 -12.61 6.47
N ILE A 95 0.51 -12.34 6.00
CA ILE A 95 1.24 -13.12 5.03
C ILE A 95 2.10 -14.18 5.77
N GLU A 96 1.85 -15.47 5.51
CA GLU A 96 2.61 -16.55 6.14
C GLU A 96 3.85 -16.80 5.29
N PRO A 97 5.07 -16.74 5.87
CA PRO A 97 6.29 -16.93 5.05
C PRO A 97 6.27 -18.22 4.22
N ASP A 98 6.60 -18.06 2.91
CA ASP A 98 6.68 -19.08 1.87
CA ASP A 98 6.69 -19.12 1.89
C ASP A 98 5.32 -19.77 1.59
N ILE A 99 4.22 -19.27 2.19
CA ILE A 99 2.88 -19.83 1.96
C ILE A 99 1.95 -18.75 1.35
N GLY A 100 1.86 -17.61 2.01
CA GLY A 100 0.99 -16.53 1.61
C GLY A 100 -0.23 -16.44 2.51
N MET A 101 -1.41 -16.49 1.91
CA MET A 101 -2.71 -16.43 2.58
C MET A 101 -3.76 -17.02 1.65
N PRO A 102 -4.98 -17.38 2.11
CA PRO A 102 -5.99 -17.92 1.18
C PRO A 102 -6.28 -16.92 0.06
N GLU A 103 -6.38 -17.42 -1.19
CA GLU A 103 -6.61 -16.63 -2.41
C GLU A 103 -7.83 -15.67 -2.30
N PRO A 104 -8.98 -16.07 -1.68
CA PRO A 104 -10.11 -15.13 -1.56
C PRO A 104 -9.77 -13.90 -0.69
N ASP A 105 -8.95 -14.08 0.39
CA ASP A 105 -8.53 -12.97 1.26
C ASP A 105 -7.63 -12.00 0.51
N ALA A 106 -6.68 -12.54 -0.27
CA ALA A 106 -5.75 -11.77 -1.10
C ALA A 106 -6.52 -10.98 -2.17
N GLN A 107 -7.58 -11.58 -2.74
CA GLN A 107 -8.42 -10.92 -3.76
C GLN A 107 -9.15 -9.73 -3.16
N ARG A 108 -9.72 -9.90 -1.95
CA ARG A 108 -10.42 -8.84 -1.22
C ARG A 108 -9.44 -7.72 -0.86
N PHE A 109 -8.23 -8.06 -0.36
CA PHE A 109 -7.22 -7.06 -0.01
C PHE A 109 -6.77 -6.30 -1.26
N PHE A 110 -6.57 -7.02 -2.39
CA PHE A 110 -6.18 -6.42 -3.66
C PHE A 110 -7.30 -5.48 -4.20
N HIS A 111 -8.59 -5.85 -4.07
CA HIS A 111 -9.70 -4.97 -4.48
C HIS A 111 -9.64 -3.64 -3.72
N GLN A 112 -9.42 -3.71 -2.38
CA GLN A 112 -9.37 -2.54 -1.50
C GLN A 112 -8.13 -1.71 -1.78
N LEU A 113 -6.99 -2.37 -2.11
CA LEU A 113 -5.75 -1.69 -2.49
C LEU A 113 -5.97 -0.88 -3.78
N MET A 114 -6.67 -1.47 -4.78
CA MET A 114 -7.00 -0.82 -6.05
C MET A 114 -7.91 0.39 -5.86
N ALA A 115 -8.98 0.26 -5.04
CA ALA A 115 -9.89 1.36 -4.72
C ALA A 115 -9.11 2.55 -4.11
N GLY A 116 -8.20 2.25 -3.17
CA GLY A 116 -7.36 3.26 -2.55
C GLY A 116 -6.42 3.96 -3.53
N VAL A 117 -5.72 3.17 -4.38
CA VAL A 117 -4.77 3.68 -5.39
C VAL A 117 -5.54 4.48 -6.49
N VAL A 118 -6.76 4.02 -6.92
CA VAL A 118 -7.62 4.75 -7.89
C VAL A 118 -7.94 6.13 -7.32
N TYR A 119 -8.29 6.19 -6.01
CA TYR A 119 -8.59 7.45 -5.35
C TYR A 119 -7.38 8.39 -5.39
N LEU A 120 -6.21 7.92 -4.92
CA LEU A 120 -4.97 8.69 -4.86
C LEU A 120 -4.57 9.23 -6.23
N HIS A 121 -4.54 8.36 -7.27
CA HIS A 121 -4.19 8.78 -8.63
C HIS A 121 -5.23 9.78 -9.19
N GLY A 122 -6.50 9.64 -8.80
CA GLY A 122 -7.60 10.53 -9.21
C GLY A 122 -7.44 11.97 -8.76
N ILE A 123 -6.84 12.18 -7.57
CA ILE A 123 -6.57 13.53 -7.03
C ILE A 123 -5.09 13.92 -7.32
N GLY A 124 -4.41 13.12 -8.14
CA GLY A 124 -3.05 13.37 -8.58
C GLY A 124 -1.97 13.12 -7.56
N ILE A 125 -2.20 12.14 -6.66
CA ILE A 125 -1.22 11.76 -5.64
C ILE A 125 -0.67 10.36 -5.93
N THR A 126 0.66 10.22 -5.85
CA THR A 126 1.33 8.93 -5.93
C THR A 126 1.94 8.65 -4.57
N HIS A 127 1.73 7.44 -4.04
CA HIS A 127 2.25 7.03 -2.72
C HIS A 127 3.78 6.85 -2.79
N ARG A 128 4.26 6.09 -3.80
CA ARG A 128 5.66 5.82 -4.15
C ARG A 128 6.36 4.78 -3.24
N ASP A 129 5.66 4.20 -2.25
CA ASP A 129 6.30 3.20 -1.37
C ASP A 129 5.29 2.16 -0.89
N ILE A 130 4.43 1.69 -1.80
CA ILE A 130 3.42 0.66 -1.47
C ILE A 130 4.13 -0.67 -1.18
N LYS A 131 3.87 -1.22 0.01
CA LYS A 131 4.39 -2.50 0.49
C LYS A 131 3.51 -3.01 1.64
N PRO A 132 3.51 -4.32 2.01
CA PRO A 132 2.60 -4.79 3.06
C PRO A 132 2.82 -4.17 4.47
N GLU A 133 4.00 -3.60 4.75
CA GLU A 133 4.28 -2.91 6.01
C GLU A 133 3.47 -1.61 6.16
N ASN A 134 3.07 -0.97 5.04
CA ASN A 134 2.34 0.30 4.97
CA ASN A 134 2.29 0.27 5.22
C ASN A 134 0.85 0.12 4.73
N LEU A 135 0.44 -1.12 4.44
CA LEU A 135 -0.96 -1.40 4.14
C LEU A 135 -1.53 -1.87 5.45
N LEU A 136 -2.34 -1.01 6.07
CA LEU A 136 -2.90 -1.24 7.41
C LEU A 136 -4.33 -1.75 7.36
N LEU A 137 -4.72 -2.47 8.38
CA LEU A 137 -6.00 -3.09 8.44
C LEU A 137 -6.79 -2.54 9.61
N ASP A 138 -8.05 -2.26 9.43
CA ASP A 138 -8.91 -1.82 10.52
C ASP A 138 -9.52 -3.01 11.24
N GLU A 139 -10.47 -2.74 12.12
CA GLU A 139 -11.12 -3.74 12.95
C GLU A 139 -11.89 -4.82 12.18
N ARG A 140 -12.38 -4.44 11.02
CA ARG A 140 -13.13 -5.33 10.11
C ARG A 140 -12.23 -5.87 8.97
N ASP A 141 -10.90 -5.73 9.11
CA ASP A 141 -9.89 -6.14 8.12
C ASP A 141 -10.00 -5.34 6.81
N ASN A 142 -10.44 -4.07 6.89
CA ASN A 142 -10.48 -3.20 5.73
C ASN A 142 -9.11 -2.59 5.55
N LEU A 143 -8.53 -2.78 4.36
CA LEU A 143 -7.22 -2.28 3.99
C LEU A 143 -7.25 -0.76 3.86
N LYS A 144 -6.20 -0.11 4.40
CA LYS A 144 -5.96 1.33 4.38
C LYS A 144 -4.52 1.60 4.00
N ILE A 145 -4.33 2.43 2.98
CA ILE A 145 -3.02 2.86 2.51
C ILE A 145 -2.52 3.88 3.54
N SER A 146 -1.28 3.72 3.99
CA SER A 146 -0.73 4.63 4.99
C SER A 146 0.67 5.11 4.65
N ASP A 147 1.14 6.10 5.44
CA ASP A 147 2.47 6.69 5.38
C ASP A 147 2.70 7.41 4.06
N PHE A 148 2.39 8.72 4.04
CA PHE A 148 2.52 9.57 2.87
C PHE A 148 3.78 10.43 2.93
N GLY A 149 4.79 9.91 3.63
CA GLY A 149 6.10 10.50 3.82
C GLY A 149 6.91 10.60 2.54
N LEU A 150 6.70 9.67 1.60
CA LEU A 150 7.40 9.68 0.31
C LEU A 150 6.45 10.05 -0.84
N ALA A 151 5.17 10.32 -0.52
CA ALA A 151 4.14 10.69 -1.50
C ALA A 151 4.40 12.06 -2.12
N THR A 152 3.93 12.27 -3.35
CA THR A 152 4.07 13.55 -4.06
C THR A 152 2.92 13.75 -5.05
N VAL A 153 2.80 15.00 -5.55
CA VAL A 153 1.82 15.42 -6.53
C VAL A 153 2.40 15.16 -7.93
N PHE A 154 1.70 14.36 -8.76
CA PHE A 154 2.16 14.07 -10.12
C PHE A 154 1.25 14.71 -11.16
N ARG A 155 0.07 15.22 -10.74
CA ARG A 155 -0.86 15.92 -11.63
C ARG A 155 -1.39 17.15 -10.91
N TYR A 156 -1.26 18.30 -11.56
CA TYR A 156 -1.71 19.59 -11.04
C TYR A 156 -2.25 20.41 -12.19
N ASN A 157 -3.44 21.01 -12.01
CA ASN A 157 -4.12 21.83 -13.04
C ASN A 157 -4.26 21.03 -14.34
N ASN A 158 -4.53 19.70 -14.19
CA ASN A 158 -4.71 18.69 -15.26
C ASN A 158 -3.41 18.48 -16.08
N ARG A 159 -2.25 18.89 -15.55
CA ARG A 159 -0.98 18.69 -16.23
C ARG A 159 -0.16 17.65 -15.47
N GLU A 160 0.28 16.60 -16.17
CA GLU A 160 1.08 15.57 -15.55
C GLU A 160 2.55 15.98 -15.43
N ARG A 161 3.12 15.70 -14.26
CA ARG A 161 4.52 15.92 -13.95
CA ARG A 161 4.53 15.92 -13.99
C ARG A 161 5.21 14.57 -13.99
N LEU A 162 6.13 14.34 -14.88
CA LEU A 162 6.91 13.14 -14.85
C LEU A 162 7.90 13.16 -13.70
N LEU A 163 8.15 12.00 -13.12
CA LEU A 163 9.03 11.89 -11.98
C LEU A 163 10.44 11.49 -12.30
N ASN A 164 11.37 11.95 -11.48
CA ASN A 164 12.75 11.49 -11.55
C ASN A 164 13.42 11.00 -10.27
N LYS A 165 12.80 11.20 -9.14
CA LYS A 165 13.40 10.88 -7.89
C LYS A 165 13.37 9.39 -7.59
N MET A 166 14.49 8.88 -7.11
CA MET A 166 14.66 7.50 -6.67
C MET A 166 14.04 7.33 -5.32
N CYS A 167 12.98 6.53 -5.21
CA CYS A 167 12.38 6.22 -3.92
C CYS A 167 11.50 5.00 -3.96
N GLY A 168 11.17 4.53 -2.78
CA GLY A 168 10.54 3.29 -2.58
C GLY A 168 11.47 2.34 -1.87
N THR A 169 11.12 1.09 -1.96
CA THR A 169 11.82 0.00 -1.33
C THR A 169 12.17 -0.96 -2.45
N LEU A 170 13.40 -1.42 -2.56
CA LEU A 170 13.88 -2.08 -3.79
C LEU A 170 13.12 -3.31 -4.33
N PRO A 171 12.69 -4.23 -3.50
CA PRO A 171 11.94 -5.36 -3.99
C PRO A 171 10.62 -4.97 -4.61
N TYR A 172 10.05 -3.85 -4.22
CA TYR A 172 8.76 -3.36 -4.72
C TYR A 172 8.84 -2.27 -5.83
N VAL A 173 10.06 -1.73 -6.12
CA VAL A 173 10.21 -0.65 -7.12
CA VAL A 173 10.24 -0.65 -7.10
C VAL A 173 10.08 -1.19 -8.53
N ALA A 174 9.50 -0.37 -9.42
CA ALA A 174 9.34 -0.72 -10.83
C ALA A 174 10.72 -0.66 -11.52
N PRO A 175 10.97 -1.50 -12.54
CA PRO A 175 12.30 -1.49 -13.20
C PRO A 175 12.69 -0.16 -13.89
N GLU A 176 11.71 0.68 -14.33
CA GLU A 176 12.01 1.94 -15.02
C GLU A 176 12.70 2.97 -14.10
N LEU A 177 12.50 2.84 -12.76
CA LEU A 177 13.09 3.73 -11.76
CA LEU A 177 13.14 3.75 -11.79
C LEU A 177 14.62 3.49 -11.72
N LEU A 178 15.05 2.24 -11.98
CA LEU A 178 16.47 1.90 -11.99
C LEU A 178 17.09 2.08 -13.38
N LYS A 179 16.28 2.22 -14.43
CA LYS A 179 16.81 2.25 -15.79
C LYS A 179 16.66 3.61 -16.48
N ARG A 180 15.57 4.35 -16.18
CA ARG A 180 15.26 5.59 -16.87
C ARG A 180 15.41 6.80 -15.99
N ARG A 181 15.81 7.94 -16.59
CA ARG A 181 15.95 9.22 -15.90
C ARG A 181 14.58 9.71 -15.46
N GLU A 182 13.57 9.58 -16.33
CA GLU A 182 12.19 10.00 -16.04
C GLU A 182 11.20 8.89 -16.28
N PHE A 183 10.07 8.95 -15.58
CA PHE A 183 9.03 7.92 -15.64
C PHE A 183 7.69 8.49 -15.20
N HIS A 184 6.61 7.88 -15.66
CA HIS A 184 5.26 8.21 -15.23
C HIS A 184 5.05 7.63 -13.83
N ALA A 185 4.36 8.37 -12.95
CA ALA A 185 4.07 7.99 -11.56
C ALA A 185 3.17 6.76 -11.40
N GLU A 186 2.04 6.71 -12.11
CA GLU A 186 1.00 5.68 -11.97
C GLU A 186 1.49 4.25 -12.23
N PRO A 187 2.20 3.91 -13.34
CA PRO A 187 2.65 2.52 -13.52
C PRO A 187 3.60 2.06 -12.41
N VAL A 188 4.25 3.00 -11.69
CA VAL A 188 5.17 2.66 -10.61
C VAL A 188 4.38 2.08 -9.42
N ASP A 189 3.24 2.72 -9.07
CA ASP A 189 2.36 2.26 -7.99
C ASP A 189 1.64 0.96 -8.39
N VAL A 190 1.32 0.78 -9.69
CA VAL A 190 0.67 -0.45 -10.22
C VAL A 190 1.64 -1.65 -10.01
N TRP A 191 2.95 -1.43 -10.33
CA TRP A 191 4.01 -2.43 -10.18
C TRP A 191 4.13 -2.90 -8.71
N SER A 192 4.23 -1.97 -7.74
CA SER A 192 4.36 -2.28 -6.31
C SER A 192 3.13 -3.06 -5.81
N CYS A 193 1.93 -2.72 -6.32
CA CYS A 193 0.69 -3.46 -6.04
C CYS A 193 0.79 -4.91 -6.54
N GLY A 194 1.41 -5.12 -7.70
CA GLY A 194 1.66 -6.46 -8.25
C GLY A 194 2.63 -7.26 -7.39
N ILE A 195 3.67 -6.60 -6.83
CA ILE A 195 4.62 -7.28 -5.93
C ILE A 195 3.90 -7.61 -4.61
N VAL A 196 2.98 -6.71 -4.16
CA VAL A 196 2.16 -6.95 -2.96
C VAL A 196 1.27 -8.20 -3.22
N LEU A 197 0.64 -8.26 -4.40
CA LEU A 197 -0.21 -9.39 -4.76
C LEU A 197 0.63 -10.70 -4.77
N THR A 198 1.86 -10.65 -5.33
CA THR A 198 2.76 -11.81 -5.36
C THR A 198 3.03 -12.31 -3.92
N ALA A 199 3.38 -11.40 -3.00
CA ALA A 199 3.69 -11.68 -1.59
C ALA A 199 2.50 -12.35 -0.90
N MET A 200 1.29 -11.82 -1.11
CA MET A 200 0.06 -12.37 -0.53
C MET A 200 -0.26 -13.80 -0.99
N LEU A 201 0.08 -14.15 -2.26
CA LEU A 201 -0.25 -15.48 -2.80
C LEU A 201 0.86 -16.52 -2.70
N ALA A 202 2.09 -16.10 -2.43
CA ALA A 202 3.24 -17.01 -2.39
C ALA A 202 4.03 -16.94 -1.08
N GLY A 203 3.85 -15.86 -0.32
CA GLY A 203 4.55 -15.66 0.95
C GLY A 203 6.03 -15.40 0.78
N GLU A 204 6.42 -14.87 -0.39
CA GLU A 204 7.81 -14.54 -0.69
C GLU A 204 7.87 -13.49 -1.78
N LEU A 205 8.95 -12.71 -1.74
CA LEU A 205 9.25 -11.66 -2.70
C LEU A 205 9.96 -12.29 -3.90
N PRO A 206 9.59 -11.94 -5.15
CA PRO A 206 10.21 -12.62 -6.30
C PRO A 206 11.69 -12.27 -6.55
N TRP A 207 12.13 -11.02 -6.27
CA TRP A 207 13.54 -10.61 -6.49
C TRP A 207 13.95 -9.51 -5.50
N ASP A 208 15.28 -9.31 -5.36
CA ASP A 208 15.87 -8.27 -4.52
C ASP A 208 15.60 -6.90 -5.14
N GLN A 209 15.59 -6.84 -6.48
CA GLN A 209 15.36 -5.64 -7.29
C GLN A 209 15.04 -6.05 -8.74
N PRO A 210 14.25 -5.26 -9.53
CA PRO A 210 13.93 -5.69 -10.89
C PRO A 210 14.99 -5.26 -11.91
N SER A 211 16.16 -5.92 -11.87
CA SER A 211 17.28 -5.66 -12.79
C SER A 211 17.74 -6.95 -13.46
N ASP A 212 18.33 -6.85 -14.66
CA ASP A 212 18.88 -7.97 -15.44
C ASP A 212 19.95 -8.75 -14.66
N SER A 213 20.66 -8.07 -13.73
CA SER A 213 21.70 -8.66 -12.86
C SER A 213 21.06 -9.63 -11.84
N CYS A 214 19.74 -9.50 -11.61
CA CYS A 214 18.98 -10.34 -10.70
C CYS A 214 18.44 -11.55 -11.46
N GLN A 215 18.99 -12.75 -11.17
CA GLN A 215 18.65 -14.01 -11.83
C GLN A 215 17.13 -14.30 -11.80
N GLU A 216 16.50 -14.07 -10.65
CA GLU A 216 15.06 -14.29 -10.44
C GLU A 216 14.22 -13.40 -11.37
N TYR A 217 14.68 -12.14 -11.60
CA TYR A 217 13.99 -11.21 -12.49
C TYR A 217 14.14 -11.64 -13.95
N SER A 218 15.34 -12.11 -14.34
CA SER A 218 15.61 -12.63 -15.70
C SER A 218 14.79 -13.89 -15.97
N ASP A 219 14.64 -14.78 -14.96
CA ASP A 219 13.83 -16.01 -15.04
C ASP A 219 12.36 -15.68 -15.33
N TRP A 220 11.85 -14.62 -14.69
CA TRP A 220 10.47 -14.16 -14.86
C TRP A 220 10.25 -13.64 -16.28
N LYS A 221 11.18 -12.81 -16.80
CA LYS A 221 11.07 -12.25 -18.15
C LYS A 221 11.14 -13.37 -19.21
N GLU A 222 11.83 -14.49 -18.87
CA GLU A 222 11.95 -15.70 -19.70
C GLU A 222 10.78 -16.67 -19.48
N LYS A 223 9.81 -16.28 -18.61
CA LYS A 223 8.56 -16.99 -18.30
C LYS A 223 8.77 -18.38 -17.63
N LYS A 224 9.81 -18.51 -16.81
CA LYS A 224 10.10 -19.73 -16.06
C LYS A 224 9.15 -19.77 -14.84
N THR A 225 7.84 -19.99 -15.10
CA THR A 225 6.81 -19.96 -14.05
C THR A 225 6.72 -21.29 -13.30
N TYR A 226 7.56 -22.29 -13.67
CA TYR A 226 7.66 -23.60 -13.00
C TYR A 226 8.53 -23.45 -11.75
N LEU A 227 9.17 -22.27 -11.59
CA LEU A 227 10.00 -21.92 -10.45
C LEU A 227 9.19 -21.13 -9.42
N ASN A 228 9.72 -21.00 -8.20
CA ASN A 228 9.11 -20.22 -7.13
C ASN A 228 9.37 -18.73 -7.39
N PRO A 229 8.47 -17.81 -7.01
CA PRO A 229 7.21 -18.00 -6.27
C PRO A 229 5.99 -18.36 -7.13
N TRP A 230 6.13 -18.27 -8.46
CA TRP A 230 5.07 -18.41 -9.46
C TRP A 230 4.40 -19.80 -9.46
N LYS A 231 5.11 -20.85 -9.05
CA LYS A 231 4.64 -22.25 -8.99
C LYS A 231 3.54 -22.41 -7.93
N LYS A 232 3.58 -21.58 -6.87
CA LYS A 232 2.61 -21.58 -5.78
C LYS A 232 1.32 -20.85 -6.13
N ILE A 233 1.31 -20.10 -7.24
CA ILE A 233 0.21 -19.21 -7.63
C ILE A 233 -0.65 -19.86 -8.74
N ASP A 234 -1.98 -19.87 -8.53
CA ASP A 234 -2.92 -20.43 -9.50
C ASP A 234 -2.85 -19.63 -10.81
N SER A 235 -3.19 -20.29 -11.93
CA SER A 235 -3.16 -19.76 -13.30
C SER A 235 -3.96 -18.44 -13.49
N ALA A 236 -5.14 -18.31 -12.85
CA ALA A 236 -5.98 -17.11 -12.98
C ALA A 236 -5.29 -15.87 -12.34
N PRO A 237 -4.85 -15.85 -11.04
CA PRO A 237 -4.15 -14.65 -10.55
C PRO A 237 -2.77 -14.45 -11.22
N LEU A 238 -2.09 -15.56 -11.61
CA LEU A 238 -0.79 -15.52 -12.29
C LEU A 238 -0.89 -14.81 -13.65
N ALA A 239 -2.01 -14.99 -14.37
CA ALA A 239 -2.30 -14.32 -15.65
C ALA A 239 -2.38 -12.81 -15.45
N LEU A 240 -2.85 -12.37 -14.26
CA LEU A 240 -2.93 -10.95 -13.89
C LEU A 240 -1.52 -10.43 -13.57
N LEU A 241 -0.73 -11.21 -12.82
CA LEU A 241 0.64 -10.86 -12.47
C LEU A 241 1.50 -10.72 -13.74
N HIS A 242 1.20 -11.53 -14.79
CA HIS A 242 1.83 -11.47 -16.11
C HIS A 242 1.53 -10.13 -16.80
N LYS A 243 0.40 -9.50 -16.48
CA LYS A 243 0.03 -8.22 -17.09
C LYS A 243 0.54 -7.01 -16.26
N ILE A 244 0.61 -7.12 -14.96
CA ILE A 244 1.21 -6.13 -14.08
C ILE A 244 2.73 -6.00 -14.11
N LEU A 245 3.43 -7.11 -14.01
CA LEU A 245 4.86 -7.08 -13.93
C LEU A 245 5.53 -7.14 -15.29
N VAL A 246 5.24 -6.15 -16.08
CA VAL A 246 5.69 -6.02 -17.41
C VAL A 246 6.73 -4.94 -17.35
N GLU A 247 7.95 -5.24 -17.79
CA GLU A 247 9.11 -4.34 -17.71
C GLU A 247 8.82 -2.96 -18.33
N ASN A 248 8.21 -2.92 -19.52
CA ASN A 248 7.88 -1.67 -20.19
C ASN A 248 6.69 -1.02 -19.48
N PRO A 249 6.87 0.14 -18.80
CA PRO A 249 5.74 0.77 -18.10
C PRO A 249 4.58 1.23 -19.00
N SER A 250 4.85 1.46 -20.31
CA SER A 250 3.87 1.89 -21.31
C SER A 250 3.00 0.71 -21.80
N ALA A 251 3.48 -0.53 -21.62
CA ALA A 251 2.77 -1.75 -22.03
C ALA A 251 2.10 -2.39 -20.83
N ARG A 252 2.51 -2.00 -19.62
CA ARG A 252 1.97 -2.49 -18.35
C ARG A 252 0.49 -2.14 -18.23
N ILE A 253 -0.31 -3.07 -17.72
CA ILE A 253 -1.74 -2.89 -17.50
C ILE A 253 -2.02 -1.69 -16.57
N THR A 254 -3.05 -0.92 -16.91
CA THR A 254 -3.50 0.23 -16.13
C THR A 254 -4.52 -0.29 -15.14
N ILE A 255 -4.90 0.52 -14.14
CA ILE A 255 -5.90 0.08 -13.15
C ILE A 255 -7.29 -0.15 -13.84
N PRO A 256 -7.82 0.75 -14.73
CA PRO A 256 -9.11 0.45 -15.39
C PRO A 256 -9.17 -0.96 -16.03
N ASP A 257 -8.03 -1.45 -16.56
CA ASP A 257 -7.97 -2.77 -17.17
C ASP A 257 -7.74 -3.89 -16.14
N ILE A 258 -7.14 -3.58 -14.96
CA ILE A 258 -6.98 -4.56 -13.85
C ILE A 258 -8.41 -4.94 -13.39
N LYS A 259 -9.30 -3.94 -13.32
CA LYS A 259 -10.71 -4.06 -12.94
C LYS A 259 -11.55 -4.91 -13.93
N LYS A 260 -11.00 -5.20 -15.14
CA LYS A 260 -11.64 -6.03 -16.17
C LYS A 260 -11.05 -7.46 -16.22
N ASP A 261 -9.91 -7.69 -15.53
CA ASP A 261 -9.22 -8.98 -15.47
C ASP A 261 -10.16 -10.07 -14.93
N ARG A 262 -10.02 -11.29 -15.47
CA ARG A 262 -10.84 -12.45 -15.11
C ARG A 262 -10.69 -12.85 -13.62
N TRP A 263 -9.46 -12.91 -13.08
CA TRP A 263 -9.29 -13.27 -11.67
C TRP A 263 -9.82 -12.16 -10.74
N TYR A 264 -9.54 -10.88 -11.06
CA TYR A 264 -10.04 -9.73 -10.31
C TYR A 264 -11.59 -9.80 -10.15
N ASN A 265 -12.30 -10.31 -11.16
CA ASN A 265 -13.77 -10.42 -11.16
C ASN A 265 -14.27 -11.86 -10.86
N LYS A 266 -13.37 -12.73 -10.37
CA LYS A 266 -13.71 -14.11 -10.04
C LYS A 266 -14.39 -14.18 -8.67
N PRO A 267 -15.62 -14.75 -8.60
CA PRO A 267 -16.28 -14.91 -7.29
C PRO A 267 -15.52 -15.94 -6.47
N LEU A 268 -14.96 -15.51 -5.33
CA LEU A 268 -14.13 -16.37 -4.50
C LEU A 268 -14.48 -16.31 -3.03
N LYS A 269 -14.67 -15.10 -2.49
CA LYS A 269 -14.86 -14.90 -1.07
C LYS A 269 -16.29 -14.58 -0.67
N LYS A 270 -16.70 -15.23 0.42
CA LYS A 270 -17.97 -15.02 1.08
C LYS A 270 -17.88 -13.72 1.88
N GLY A 271 -19.02 -13.11 2.19
CA GLY A 271 -19.05 -11.91 3.01
C GLY A 271 -18.66 -12.23 4.44
N ALA A 272 -18.43 -11.19 5.28
CA ALA A 272 -18.07 -11.39 6.70
C ALA A 272 -19.14 -12.24 7.40
N LYS A 273 -18.71 -13.31 8.14
CA LYS A 273 -19.58 -14.22 8.88
C LYS A 273 -20.52 -13.37 9.73
N ARG A 274 -21.82 -13.35 9.35
CA ARG A 274 -22.87 -12.62 10.07
C ARG A 274 -23.58 -13.64 11.00
N PRO A 275 -23.90 -13.27 12.28
CA PRO A 275 -24.60 -14.21 13.19
C PRO A 275 -25.89 -14.82 12.62
N ARG A 276 -26.06 -16.13 12.83
CA ARG A 276 -27.20 -16.90 12.35
C ARG A 276 -27.58 -18.03 13.29
N VAL A 277 -28.88 -18.40 13.30
CA VAL A 277 -29.46 -19.49 14.10
C VAL A 277 -30.34 -20.38 13.19
N THR A 278 -30.59 -21.64 13.59
CA THR A 278 -31.41 -22.56 12.80
C THR A 278 -32.70 -22.97 13.56
N SER A 279 -33.69 -23.48 12.78
CA SER A 279 -35.04 -23.92 13.18
C SER A 279 -35.89 -22.75 13.65
O2 HK7 B . 2.18 5.47 9.11
C16 HK7 B . 2.76 4.39 9.32
N3 HK7 B . 2.42 3.27 8.59
C15 HK7 B . 3.86 4.27 10.33
C14 HK7 B . 5.07 4.94 10.04
C13 HK7 B . 6.20 4.71 10.85
C12 HK7 B . 6.12 3.82 11.94
C11 HK7 B . 4.91 3.19 12.26
C10 HK7 B . 3.76 3.43 11.47
C8 HK7 B . 2.46 2.86 11.93
C7 HK7 B . 1.39 3.72 12.17
C6 HK7 B . 0.16 3.22 12.54
C5 HK7 B . -0.06 1.82 12.67
C1 HK7 B . -1.46 1.39 12.91
O1 HK7 B . -2.44 2.15 12.65
C9 HK7 B . 2.31 1.50 12.09
C4 HK7 B . 1.04 0.96 12.45
N2 HK7 B . 0.94 -0.44 12.51
C3 HK7 B . 0.31 -1.16 13.55
C17 HK7 B . 1.01 -2.26 14.12
C18 HK7 B . 0.41 -3.08 15.08
C19 HK7 B . -0.90 -2.81 15.51
C20 HK7 B . -1.60 -1.72 14.97
C2 HK7 B . -1.01 -0.89 13.98
N1 HK7 B . -1.82 0.16 13.47
H9 HK7 B . 5.12 5.61 9.19
H8 HK7 B . 7.13 5.23 10.63
H7 HK7 B . 7.01 3.63 12.54
H6 HK7 B . 4.85 2.51 13.11
H4 HK7 B . 1.52 4.79 12.03
H3 HK7 B . -0.64 3.93 12.76
H5 HK7 B . 3.17 0.85 11.94
H2 HK7 B . 1.68 -0.95 12.04
H12 HK7 B . 2.04 -2.48 13.81
H13 HK7 B . 0.95 -3.92 15.50
H14 HK7 B . -1.39 -3.45 16.25
H15 HK7 B . -2.61 -1.52 15.32
H1 HK7 B . -2.81 -0.03 13.50
S SO4 C . 9.38 15.09 -6.01
O1 SO4 C . 9.77 14.47 -4.72
O2 SO4 C . 8.06 15.69 -5.89
O3 SO4 C . 10.36 16.13 -6.36
O4 SO4 C . 9.37 14.06 -7.05
C1 GOL D . 11.01 -4.49 2.73
O1 GOL D . 12.02 -5.51 2.62
C2 GOL D . 11.33 -3.57 3.93
O2 GOL D . 10.21 -2.67 4.24
C3 GOL D . 12.72 -2.89 3.75
O3 GOL D . 12.75 -1.52 4.20
C1 IPA E . 6.09 -12.31 1.92
C2 IPA E . 7.08 -11.19 1.79
C3 IPA E . 8.30 -11.50 2.67
O2 IPA E . 6.45 -9.98 2.18
#